data_4GC3
#
_entry.id   4GC3
#
_cell.length_a   51.480
_cell.length_b   76.495
_cell.length_c   78.057
_cell.angle_alpha   90.00
_cell.angle_beta   90.00
_cell.angle_gamma   90.00
#
_symmetry.space_group_name_H-M   'P 21 21 21'
#
loop_
_entity.id
_entity.type
_entity.pdbx_description
1 polymer 'L-HISTIDINOL PHOSPHATE PHOSPHATASE'
2 non-polymer 'ZINC ION'
3 non-polymer 'SULFATE ION'
4 water water
#
_entity_poly.entity_id   1
_entity_poly.type   'polypeptide(L)'
_entity_poly.pdbx_seq_one_letter_code
;MSLKKLDYHFHSHFSADSEELPRKHVTEAIAHGLEEICFTEHRDFYFPGMDFSLNLPEYFQEINQLQAEFKDKIKIKIGL
EMGIDLRFKSEINQFIDSAPFDFVIASVHEIGDIEVYDGTEFYLQKTKEEAQREYLLACLDVVQNFENYNSFGHLDYVAR
YGPYTDKSIKFAENREILFEILRALASKEKALEINTRLFDDPKTEQFYSDLLINFKRLGGKFITLGTDSHIAKRDWLSIH
KARTLIKKAGFHELATFSGMKIDKNKKSIKEKLAAALEHHHHHH
;
_entity_poly.pdbx_strand_id   A
#
# COMPACT_ATOMS: atom_id res chain seq x y z
N SER A 2 -8.17 -10.43 -18.70
CA SER A 2 -8.44 -10.49 -17.27
C SER A 2 -7.25 -9.96 -16.46
N LEU A 3 -7.54 -9.38 -15.30
CA LEU A 3 -6.49 -8.92 -14.39
C LEU A 3 -5.70 -10.11 -13.85
N LYS A 4 -4.38 -9.99 -13.83
CA LYS A 4 -3.56 -11.01 -13.19
C LYS A 4 -4.00 -11.21 -11.74
N LYS A 5 -4.04 -12.47 -11.30
CA LYS A 5 -4.32 -12.75 -9.90
C LYS A 5 -3.04 -12.57 -9.09
N LEU A 6 -3.09 -11.64 -8.14
CA LEU A 6 -1.90 -11.30 -7.38
C LEU A 6 -2.24 -10.66 -6.04
N ASP A 7 -1.21 -10.49 -5.21
CA ASP A 7 -1.29 -9.64 -4.02
C ASP A 7 0.02 -8.89 -3.94
N TYR A 8 -0.08 -7.56 -3.99
CA TYR A 8 1.08 -6.66 -3.98
C TYR A 8 1.13 -5.78 -2.72
N HIS A 9 0.56 -6.25 -1.61
CA HIS A 9 0.76 -5.59 -0.33
C HIS A 9 0.43 -6.54 0.80
N PHE A 10 1.46 -7.05 1.47
CA PHE A 10 1.24 -7.91 2.64
C PHE A 10 2.52 -8.01 3.46
N HIS A 11 2.36 -8.50 4.68
CA HIS A 11 3.39 -8.44 5.70
C HIS A 11 3.61 -9.81 6.32
N SER A 12 4.87 -10.15 6.59
CA SER A 12 5.23 -11.38 7.28
C SER A 12 6.01 -11.03 8.53
N HIS A 13 6.56 -12.04 9.19
CA HIS A 13 7.31 -11.80 10.41
C HIS A 13 8.53 -10.88 10.28
N PHE A 14 8.96 -10.60 9.06
CA PHE A 14 10.00 -9.59 8.86
C PHE A 14 9.54 -8.18 9.21
N SER A 15 8.23 -7.94 9.14
CA SER A 15 7.64 -6.67 9.60
C SER A 15 7.45 -6.69 11.11
N ALA A 16 7.61 -5.52 11.75
CA ALA A 16 7.62 -5.47 13.19
C ALA A 16 6.27 -5.79 13.82
N ASP A 17 5.20 -5.74 13.03
CA ASP A 17 3.84 -5.98 13.54
C ASP A 17 3.17 -7.20 12.92
N SER A 18 3.96 -8.18 12.49
CA SER A 18 3.43 -9.44 12.00
C SER A 18 4.27 -10.58 12.54
N GLU A 19 3.62 -11.73 12.71
CA GLU A 19 4.28 -12.95 13.15
C GLU A 19 4.19 -14.06 12.11
N GLU A 20 3.71 -13.73 10.92
CA GLU A 20 3.41 -14.78 9.95
C GLU A 20 4.66 -15.37 9.32
N LEU A 21 4.64 -16.68 9.09
CA LEU A 21 5.71 -17.34 8.36
C LEU A 21 5.63 -16.98 6.89
N PRO A 22 6.72 -16.49 6.30
CA PRO A 22 6.72 -16.17 4.88
C PRO A 22 6.23 -17.32 3.99
N ARG A 23 6.64 -18.55 4.30
CA ARG A 23 6.21 -19.67 3.47
C ARG A 23 4.70 -19.85 3.45
N LYS A 24 4.02 -19.53 4.55
CA LYS A 24 2.56 -19.66 4.57
C LYS A 24 1.87 -18.70 3.62
N HIS A 25 2.41 -17.49 3.46
CA HIS A 25 1.87 -16.58 2.43
C HIS A 25 1.96 -17.22 1.04
N VAL A 26 3.09 -17.86 0.76
CA VAL A 26 3.29 -18.47 -0.54
C VAL A 26 2.32 -19.62 -0.77
N THR A 27 2.18 -20.50 0.22
CA THR A 27 1.30 -21.66 0.00
C THR A 27 -0.17 -21.24 -0.09
N GLU A 28 -0.56 -20.23 0.69
N GLU A 28 -0.57 -20.24 0.69
CA GLU A 28 -1.92 -19.71 0.58
CA GLU A 28 -1.94 -19.74 0.57
C GLU A 28 -2.16 -19.09 -0.79
C GLU A 28 -2.16 -19.09 -0.79
N ALA A 29 -1.18 -18.34 -1.27
CA ALA A 29 -1.27 -17.72 -2.59
C ALA A 29 -1.45 -18.77 -3.68
N ILE A 30 -0.65 -19.83 -3.62
CA ILE A 30 -0.74 -20.90 -4.60
C ILE A 30 -2.09 -21.61 -4.51
N ALA A 31 -2.56 -21.85 -3.29
CA ALA A 31 -3.84 -22.53 -3.09
C ALA A 31 -5.02 -21.76 -3.68
N HIS A 32 -4.87 -20.44 -3.81
CA HIS A 32 -5.94 -19.59 -4.35
C HIS A 32 -5.64 -19.09 -5.77
N GLY A 33 -4.68 -19.73 -6.43
CA GLY A 33 -4.42 -19.48 -7.83
C GLY A 33 -3.76 -18.15 -8.16
N LEU A 34 -3.05 -17.56 -7.21
CA LEU A 34 -2.34 -16.31 -7.52
C LEU A 34 -1.16 -16.62 -8.43
N GLU A 35 -0.95 -15.79 -9.45
CA GLU A 35 0.18 -15.94 -10.38
C GLU A 35 1.43 -15.27 -9.84
N GLU A 36 1.25 -14.22 -9.04
CA GLU A 36 2.37 -13.43 -8.55
C GLU A 36 2.05 -12.81 -7.21
N ILE A 37 3.07 -12.72 -6.34
CA ILE A 37 2.94 -12.00 -5.07
C ILE A 37 4.18 -11.18 -4.84
N CYS A 38 4.02 -10.06 -4.14
CA CYS A 38 5.15 -9.26 -3.72
C CYS A 38 5.06 -9.00 -2.23
N PHE A 39 6.01 -9.55 -1.48
CA PHE A 39 6.15 -9.22 -0.06
C PHE A 39 6.42 -7.72 0.06
N THR A 40 5.78 -7.03 0.98
CA THR A 40 6.02 -5.59 1.14
C THR A 40 6.17 -5.25 2.61
N GLU A 41 7.32 -5.60 3.17
CA GLU A 41 7.53 -5.45 4.61
C GLU A 41 7.67 -3.99 5.01
N HIS A 42 7.32 -3.67 6.25
CA HIS A 42 7.43 -2.30 6.73
C HIS A 42 8.87 -1.86 6.98
N ARG A 43 9.20 -0.66 6.50
CA ARG A 43 10.26 0.12 7.10
C ARG A 43 9.71 1.52 7.32
N ASP A 44 9.79 2.01 8.56
CA ASP A 44 9.34 3.36 8.90
C ASP A 44 10.40 4.00 9.77
N PHE A 45 11.08 5.01 9.26
CA PHE A 45 12.14 5.65 10.02
C PHE A 45 11.61 6.45 11.19
N TYR A 46 12.26 6.27 12.35
CA TYR A 46 11.98 7.03 13.56
C TYR A 46 10.50 6.98 13.94
N PHE A 47 9.88 5.82 13.76
CA PHE A 47 8.46 5.72 13.97
C PHE A 47 8.14 5.95 15.44
N PRO A 48 7.08 6.72 15.74
CA PRO A 48 6.88 7.06 17.15
C PRO A 48 6.41 5.88 17.98
N GLY A 49 7.09 5.62 19.09
CA GLY A 49 6.63 4.65 20.06
C GLY A 49 6.93 3.19 19.78
N MET A 50 7.36 2.91 18.55
N MET A 50 7.40 2.91 18.56
CA MET A 50 7.64 1.54 18.15
CA MET A 50 7.61 1.53 18.12
C MET A 50 8.63 1.46 16.99
C MET A 50 8.62 1.45 16.97
N ASP A 51 9.63 0.61 17.12
CA ASP A 51 10.60 0.37 16.05
C ASP A 51 9.96 -0.40 14.89
N PHE A 52 10.08 0.12 13.67
CA PHE A 52 9.72 -0.59 12.46
C PHE A 52 10.94 -0.72 11.56
N SER A 53 11.87 -1.57 11.98
CA SER A 53 13.08 -1.85 11.22
C SER A 53 12.92 -3.13 10.43
N LEU A 54 13.86 -3.38 9.53
CA LEU A 54 13.77 -4.51 8.61
C LEU A 54 15.15 -5.10 8.40
N ASN A 55 15.28 -6.39 8.69
CA ASN A 55 16.56 -7.09 8.57
C ASN A 55 16.77 -7.52 7.12
N LEU A 56 17.48 -6.70 6.36
CA LEU A 56 17.60 -6.95 4.93
C LEU A 56 18.32 -8.25 4.58
N PRO A 57 19.45 -8.56 5.25
CA PRO A 57 20.06 -9.85 4.91
C PRO A 57 19.12 -11.05 5.12
N GLU A 58 18.40 -11.08 6.24
N GLU A 58 18.43 -11.07 6.26
CA GLU A 58 17.53 -12.23 6.50
CA GLU A 58 17.49 -12.17 6.57
C GLU A 58 16.30 -12.22 5.58
C GLU A 58 16.32 -12.21 5.60
N TYR A 59 15.75 -11.03 5.34
CA TYR A 59 14.59 -10.90 4.45
C TYR A 59 14.91 -11.38 3.04
N PHE A 60 15.97 -10.83 2.45
CA PHE A 60 16.32 -11.21 1.09
C PHE A 60 16.69 -12.68 0.98
N GLN A 61 17.40 -13.19 1.98
CA GLN A 61 17.82 -14.58 1.97
C GLN A 61 16.59 -15.49 1.98
N GLU A 62 15.62 -15.18 2.83
CA GLU A 62 14.42 -16.02 2.90
C GLU A 62 13.57 -15.94 1.66
N ILE A 63 13.31 -14.74 1.15
CA ILE A 63 12.45 -14.66 -0.02
C ILE A 63 13.14 -15.25 -1.26
N ASN A 64 14.46 -15.08 -1.38
N ASN A 64 14.45 -15.06 -1.36
CA ASN A 64 15.20 -15.73 -2.46
CA ASN A 64 15.24 -15.67 -2.43
C ASN A 64 15.03 -17.23 -2.42
C ASN A 64 15.12 -17.20 -2.41
N GLN A 65 15.09 -17.78 -1.21
CA GLN A 65 14.92 -19.21 -1.04
C GLN A 65 13.54 -19.65 -1.51
N LEU A 66 12.52 -18.87 -1.16
CA LEU A 66 11.16 -19.19 -1.58
C LEU A 66 10.97 -19.06 -3.09
N GLN A 67 11.60 -18.05 -3.69
CA GLN A 67 11.59 -17.89 -5.13
C GLN A 67 12.08 -19.15 -5.83
N ALA A 68 13.19 -19.70 -5.35
CA ALA A 68 13.75 -20.89 -5.97
C ALA A 68 12.86 -22.11 -5.70
N GLU A 69 12.39 -22.25 -4.46
CA GLU A 69 11.60 -23.41 -4.10
C GLU A 69 10.32 -23.50 -4.92
N PHE A 70 9.71 -22.35 -5.20
CA PHE A 70 8.38 -22.30 -5.79
C PHE A 70 8.38 -21.76 -7.22
N LYS A 71 9.57 -21.74 -7.82
CA LYS A 71 9.78 -21.23 -9.17
C LYS A 71 8.74 -21.69 -10.20
N ASP A 72 8.36 -22.96 -10.14
CA ASP A 72 7.47 -23.48 -11.17
C ASP A 72 5.99 -23.23 -10.90
N LYS A 73 5.69 -22.60 -9.77
CA LYS A 73 4.33 -22.54 -9.28
C LYS A 73 3.77 -21.12 -9.14
N ILE A 74 4.64 -20.15 -8.85
CA ILE A 74 4.21 -18.77 -8.61
C ILE A 74 5.42 -17.88 -8.76
N LYS A 75 5.21 -16.62 -9.17
CA LYS A 75 6.27 -15.63 -9.25
C LYS A 75 6.26 -14.81 -7.97
N ILE A 76 7.42 -14.71 -7.32
CA ILE A 76 7.53 -14.00 -6.05
C ILE A 76 8.50 -12.83 -6.20
N LYS A 77 8.07 -11.65 -5.75
CA LYS A 77 8.88 -10.44 -5.80
C LYS A 77 9.17 -9.99 -4.38
N ILE A 78 10.26 -9.26 -4.22
CA ILE A 78 10.74 -8.83 -2.91
C ILE A 78 10.58 -7.32 -2.82
N GLY A 79 9.59 -6.87 -2.07
CA GLY A 79 9.28 -5.46 -2.04
C GLY A 79 9.31 -4.84 -0.66
N LEU A 80 8.78 -3.63 -0.59
CA LEU A 80 8.94 -2.79 0.58
C LEU A 80 7.77 -1.85 0.69
N GLU A 81 7.20 -1.75 1.89
CA GLU A 81 6.29 -0.65 2.20
C GLU A 81 7.05 0.38 3.02
N MET A 82 7.30 1.52 2.39
N MET A 82 7.36 1.51 2.37
CA MET A 82 8.13 2.54 2.98
CA MET A 82 8.14 2.54 3.01
C MET A 82 7.26 3.65 3.55
C MET A 82 7.26 3.64 3.54
N GLY A 83 7.24 3.79 4.86
CA GLY A 83 6.55 4.91 5.49
C GLY A 83 7.34 6.17 5.18
N ILE A 84 6.66 7.18 4.65
CA ILE A 84 7.37 8.40 4.24
C ILE A 84 7.14 9.55 5.21
N ASP A 85 8.23 10.23 5.54
CA ASP A 85 8.20 11.50 6.26
C ASP A 85 9.33 12.29 5.63
N LEU A 86 9.03 13.46 5.07
CA LEU A 86 10.02 14.19 4.30
C LEU A 86 11.21 14.66 5.14
N ARG A 87 11.04 14.73 6.45
CA ARG A 87 12.17 15.08 7.31
C ARG A 87 13.31 14.06 7.21
N PHE A 88 12.97 12.85 6.77
CA PHE A 88 13.93 11.75 6.71
C PHE A 88 14.17 11.29 5.29
N LYS A 89 13.98 12.19 4.32
CA LYS A 89 14.10 11.84 2.91
C LYS A 89 15.45 11.19 2.56
N SER A 90 16.53 11.74 3.08
N SER A 90 16.55 11.72 3.07
CA SER A 90 17.86 11.22 2.83
CA SER A 90 17.85 11.16 2.73
C SER A 90 18.01 9.77 3.29
C SER A 90 18.00 9.74 3.28
N GLU A 91 17.58 9.50 4.53
CA GLU A 91 17.65 8.16 5.10
C GLU A 91 16.76 7.19 4.33
N ILE A 92 15.58 7.66 3.96
CA ILE A 92 14.63 6.85 3.21
C ILE A 92 15.19 6.43 1.86
N ASN A 93 15.75 7.38 1.12
CA ASN A 93 16.30 7.07 -0.18
C ASN A 93 17.51 6.17 -0.09
N GLN A 94 18.37 6.40 0.91
CA GLN A 94 19.50 5.52 1.12
C GLN A 94 19.04 4.08 1.39
N PHE A 95 18.01 3.94 2.19
CA PHE A 95 17.48 2.61 2.49
C PHE A 95 16.93 1.92 1.24
N ILE A 96 16.07 2.61 0.50
CA ILE A 96 15.52 2.05 -0.73
C ILE A 96 16.63 1.64 -1.71
N ASP A 97 17.66 2.46 -1.79
CA ASP A 97 18.73 2.21 -2.76
C ASP A 97 19.76 1.20 -2.26
N SER A 98 19.58 0.66 -1.06
CA SER A 98 20.59 -0.20 -0.43
C SER A 98 20.48 -1.68 -0.77
N ALA A 99 19.39 -2.08 -1.42
CA ALA A 99 19.15 -3.50 -1.73
C ALA A 99 18.26 -3.59 -2.95
N PRO A 100 18.28 -4.73 -3.66
CA PRO A 100 17.55 -4.79 -4.92
C PRO A 100 16.06 -5.08 -4.80
N PHE A 101 15.34 -4.15 -4.18
CA PHE A 101 13.88 -4.27 -4.08
C PHE A 101 13.24 -4.29 -5.47
N ASP A 102 12.21 -5.11 -5.60
CA ASP A 102 11.43 -5.14 -6.84
C ASP A 102 10.36 -4.05 -6.92
N PHE A 103 9.89 -3.59 -5.77
CA PHE A 103 8.67 -2.79 -5.73
C PHE A 103 8.63 -2.07 -4.42
N VAL A 104 8.28 -0.79 -4.47
CA VAL A 104 8.18 0.05 -3.28
C VAL A 104 6.84 0.76 -3.23
N ILE A 105 6.16 0.61 -2.10
CA ILE A 105 4.95 1.39 -1.81
C ILE A 105 5.33 2.57 -0.94
N ALA A 106 4.90 3.79 -1.31
CA ALA A 106 5.03 4.94 -0.42
C ALA A 106 3.75 5.07 0.38
N SER A 107 3.86 5.15 1.70
CA SER A 107 2.70 5.22 2.58
C SER A 107 2.87 6.30 3.63
N VAL A 108 1.75 6.86 4.08
CA VAL A 108 1.75 7.74 5.24
C VAL A 108 1.16 6.99 6.45
N HIS A 109 1.98 6.82 7.48
CA HIS A 109 1.58 6.14 8.71
C HIS A 109 1.64 7.04 9.94
N GLU A 110 2.42 8.12 9.87
CA GLU A 110 2.52 9.08 10.98
C GLU A 110 2.71 10.45 10.38
N ILE A 111 2.23 11.46 11.09
CA ILE A 111 2.41 12.84 10.67
C ILE A 111 2.86 13.65 11.88
N GLY A 112 3.98 14.36 11.74
CA GLY A 112 4.51 15.16 12.85
C GLY A 112 4.82 14.35 14.09
N ASP A 113 5.29 13.13 13.91
CA ASP A 113 5.60 12.20 15.00
C ASP A 113 4.38 11.70 15.77
N ILE A 114 3.20 11.88 15.17
N ILE A 114 3.22 11.84 15.16
CA ILE A 114 1.97 11.33 15.72
CA ILE A 114 2.01 11.29 15.74
C ILE A 114 1.49 10.21 14.80
C ILE A 114 1.48 10.21 14.82
N GLU A 115 1.38 9.00 15.34
CA GLU A 115 0.93 7.88 14.54
C GLU A 115 -0.53 8.02 14.20
N VAL A 116 -0.88 7.69 12.97
CA VAL A 116 -2.27 7.69 12.55
C VAL A 116 -2.80 6.31 12.92
N TYR A 117 -3.45 6.23 14.08
CA TYR A 117 -3.95 4.95 14.56
C TYR A 117 -4.96 5.21 15.64
N ASP A 118 -5.75 4.18 15.92
CA ASP A 118 -6.68 4.19 17.04
C ASP A 118 -5.96 4.56 18.32
N GLY A 119 -6.52 5.50 19.07
CA GLY A 119 -6.05 5.78 20.41
C GLY A 119 -4.95 6.81 20.54
N THR A 120 -4.39 7.23 19.42
CA THR A 120 -3.31 8.22 19.48
C THR A 120 -3.86 9.63 19.53
N GLU A 121 -2.95 10.59 19.74
CA GLU A 121 -3.28 12.00 19.69
C GLU A 121 -3.96 12.38 18.37
N PHE A 122 -3.76 11.56 17.34
CA PHE A 122 -4.16 11.97 16.00
C PHE A 122 -5.66 12.23 15.85
N TYR A 123 -6.49 11.47 16.55
CA TYR A 123 -7.93 11.64 16.41
C TYR A 123 -8.55 12.38 17.59
N LEU A 124 -7.75 12.66 18.61
CA LEU A 124 -8.25 13.26 19.85
C LEU A 124 -8.76 14.68 19.64
N GLN A 125 -10.01 14.91 20.03
CA GLN A 125 -10.67 16.21 19.87
C GLN A 125 -10.55 16.74 18.45
N LYS A 126 -10.75 15.85 17.50
CA LYS A 126 -10.61 16.20 16.10
C LYS A 126 -11.78 15.57 15.37
N THR A 127 -12.46 16.35 14.55
CA THR A 127 -13.53 15.79 13.74
C THR A 127 -12.96 14.80 12.72
N LYS A 128 -13.80 13.88 12.26
CA LYS A 128 -13.36 12.96 11.23
C LYS A 128 -12.93 13.73 9.99
N GLU A 129 -13.67 14.78 9.67
N GLU A 129 -13.69 14.77 9.64
CA GLU A 129 -13.38 15.54 8.48
CA GLU A 129 -13.37 15.62 8.49
C GLU A 129 -12.00 16.22 8.59
C GLU A 129 -11.97 16.19 8.61
N GLU A 130 -11.65 16.70 9.78
CA GLU A 130 -10.35 17.31 10.01
C GLU A 130 -9.22 16.28 9.95
N ALA A 131 -9.45 15.10 10.52
CA ALA A 131 -8.47 14.01 10.44
C ALA A 131 -8.20 13.64 8.98
N GLN A 132 -9.27 13.55 8.18
CA GLN A 132 -9.12 13.24 6.77
C GLN A 132 -8.35 14.35 6.04
N ARG A 133 -8.68 15.60 6.34
CA ARG A 133 -8.02 16.73 5.70
C ARG A 133 -6.51 16.68 5.96
N GLU A 134 -6.15 16.48 7.21
CA GLU A 134 -4.74 16.42 7.59
C GLU A 134 -4.03 15.23 6.97
N TYR A 135 -4.69 14.07 6.98
CA TYR A 135 -4.09 12.87 6.40
C TYR A 135 -3.80 13.06 4.91
N LEU A 136 -4.77 13.58 4.18
CA LEU A 136 -4.61 13.71 2.74
C LEU A 136 -3.63 14.84 2.38
N LEU A 137 -3.57 15.88 3.20
CA LEU A 137 -2.53 16.89 2.99
C LEU A 137 -1.12 16.29 3.09
N ALA A 138 -0.92 15.40 4.05
CA ALA A 138 0.37 14.72 4.18
C ALA A 138 0.63 13.82 2.97
N CYS A 139 -0.40 13.13 2.49
CA CYS A 139 -0.23 12.32 1.29
C CYS A 139 0.18 13.17 0.09
N LEU A 140 -0.46 14.34 -0.07
CA LEU A 140 -0.09 15.22 -1.17
C LEU A 140 1.35 15.70 -1.04
N ASP A 141 1.75 16.03 0.18
CA ASP A 141 3.12 16.44 0.45
C ASP A 141 4.12 15.37 -0.04
N VAL A 142 3.83 14.12 0.28
CA VAL A 142 4.67 13.03 -0.19
C VAL A 142 4.69 12.94 -1.73
N VAL A 143 3.52 12.96 -2.36
CA VAL A 143 3.46 12.82 -3.81
C VAL A 143 4.17 13.98 -4.53
N GLN A 144 4.13 15.17 -3.94
CA GLN A 144 4.77 16.33 -4.56
C GLN A 144 6.29 16.35 -4.38
N ASN A 145 6.79 15.70 -3.33
CA ASN A 145 8.16 15.92 -2.91
C ASN A 145 9.02 14.67 -2.78
N PHE A 146 8.46 13.52 -3.14
CA PHE A 146 9.17 12.25 -3.03
C PHE A 146 8.87 11.43 -4.26
N GLU A 147 9.90 10.79 -4.83
CA GLU A 147 9.76 10.15 -6.13
C GLU A 147 10.16 8.67 -6.14
N ASN A 148 10.83 8.20 -5.10
CA ASN A 148 11.51 6.91 -5.17
C ASN A 148 10.60 5.75 -4.75
N TYR A 149 9.52 5.56 -5.51
CA TYR A 149 8.54 4.53 -5.19
C TYR A 149 7.75 4.20 -6.44
N ASN A 150 6.97 3.14 -6.37
CA ASN A 150 6.20 2.66 -7.51
C ASN A 150 4.69 2.87 -7.37
N SER A 151 4.16 2.67 -6.16
CA SER A 151 2.72 2.77 -5.97
C SER A 151 2.44 3.51 -4.68
N PHE A 152 1.34 4.28 -4.66
CA PHE A 152 0.95 5.03 -3.47
C PHE A 152 -0.05 4.24 -2.61
N GLY A 153 0.34 3.95 -1.37
CA GLY A 153 -0.40 3.06 -0.50
C GLY A 153 -1.64 3.65 0.12
N HIS A 154 -2.62 2.76 0.32
CA HIS A 154 -3.86 3.01 1.07
C HIS A 154 -4.25 4.45 1.34
N LEU A 155 -4.83 5.13 0.35
CA LEU A 155 -5.30 6.50 0.57
C LEU A 155 -6.41 6.56 1.62
N ASP A 156 -7.08 5.44 1.85
CA ASP A 156 -8.13 5.37 2.88
C ASP A 156 -7.62 4.94 4.26
N TYR A 157 -6.31 4.97 4.49
CA TYR A 157 -5.73 4.50 5.75
C TYR A 157 -6.41 5.18 6.94
N VAL A 158 -6.69 6.47 6.81
CA VAL A 158 -7.25 7.26 7.90
C VAL A 158 -8.64 6.74 8.29
N ALA A 159 -9.32 6.07 7.37
CA ALA A 159 -10.66 5.56 7.64
C ALA A 159 -10.66 4.24 8.39
N ARG A 160 -9.49 3.71 8.68
CA ARG A 160 -9.40 2.46 9.46
C ARG A 160 -9.61 2.71 10.95
N TYR A 161 -9.47 3.96 11.37
CA TYR A 161 -9.36 4.28 12.80
C TYR A 161 -10.21 5.47 13.20
N GLY A 162 -10.25 5.74 14.50
CA GLY A 162 -10.93 6.90 15.01
C GLY A 162 -12.07 6.50 15.93
N PRO A 163 -12.47 7.44 16.81
CA PRO A 163 -13.51 7.15 17.79
C PRO A 163 -14.92 7.14 17.19
N TYR A 164 -15.03 7.53 15.93
CA TYR A 164 -16.30 7.72 15.25
C TYR A 164 -16.99 6.38 14.98
N THR A 165 -18.32 6.33 15.05
CA THR A 165 -19.02 5.08 14.72
C THR A 165 -18.91 4.82 13.21
N ASP A 166 -19.09 5.88 12.42
CA ASP A 166 -18.90 5.81 10.98
C ASP A 166 -17.55 6.45 10.66
N LYS A 167 -16.57 5.61 10.34
CA LYS A 167 -15.21 6.09 10.07
C LYS A 167 -14.95 6.31 8.59
N SER A 168 -15.98 6.14 7.77
CA SER A 168 -15.79 6.16 6.32
C SER A 168 -15.27 7.49 5.79
N ILE A 169 -14.60 7.42 4.65
CA ILE A 169 -14.12 8.60 3.95
C ILE A 169 -14.87 8.72 2.63
N LYS A 170 -15.34 9.92 2.33
CA LYS A 170 -16.05 10.18 1.10
C LYS A 170 -15.19 11.01 0.15
N PHE A 171 -15.17 10.61 -1.11
CA PHE A 171 -14.41 11.34 -2.11
C PHE A 171 -14.85 12.80 -2.22
N ALA A 172 -16.17 13.02 -2.30
CA ALA A 172 -16.68 14.36 -2.55
C ALA A 172 -16.29 15.36 -1.46
N GLU A 173 -16.25 14.89 -0.23
CA GLU A 173 -15.89 15.76 0.89
C GLU A 173 -14.40 16.10 0.90
N ASN A 174 -13.64 15.42 0.06
CA ASN A 174 -12.20 15.61 -0.04
C ASN A 174 -11.76 15.82 -1.48
N ARG A 175 -12.66 16.38 -2.29
CA ARG A 175 -12.47 16.38 -3.74
C ARG A 175 -11.21 17.12 -4.18
N GLU A 176 -11.02 18.33 -3.66
CA GLU A 176 -9.96 19.18 -4.16
C GLU A 176 -8.59 18.51 -3.96
N ILE A 177 -8.34 18.01 -2.75
CA ILE A 177 -7.05 17.41 -2.46
C ILE A 177 -6.87 16.09 -3.21
N LEU A 178 -7.94 15.33 -3.34
CA LEU A 178 -7.85 14.05 -4.05
C LEU A 178 -7.58 14.26 -5.54
N PHE A 179 -8.20 15.28 -6.13
CA PHE A 179 -7.86 15.62 -7.52
C PHE A 179 -6.37 15.94 -7.64
N GLU A 180 -5.84 16.72 -6.70
CA GLU A 180 -4.44 17.07 -6.75
C GLU A 180 -3.54 15.82 -6.64
N ILE A 181 -3.86 14.96 -5.68
CA ILE A 181 -3.08 13.75 -5.48
C ILE A 181 -3.12 12.85 -6.72
N LEU A 182 -4.32 12.62 -7.23
CA LEU A 182 -4.50 11.71 -8.35
C LEU A 182 -3.87 12.26 -9.63
N ARG A 183 -4.01 13.55 -9.86
CA ARG A 183 -3.40 14.15 -11.04
C ARG A 183 -1.88 14.03 -10.98
N ALA A 184 -1.31 14.26 -9.80
CA ALA A 184 0.13 14.18 -9.63
C ALA A 184 0.65 12.74 -9.79
N LEU A 185 -0.07 11.77 -9.22
CA LEU A 185 0.34 10.38 -9.40
C LEU A 185 0.34 10.02 -10.88
N ALA A 186 -0.72 10.41 -11.60
CA ALA A 186 -0.81 10.10 -13.02
C ALA A 186 0.32 10.77 -13.81
N SER A 187 0.56 12.05 -13.52
N SER A 187 0.57 12.05 -13.56
CA SER A 187 1.60 12.81 -14.20
CA SER A 187 1.60 12.75 -14.33
C SER A 187 2.98 12.20 -14.00
C SER A 187 3.01 12.21 -14.03
N LYS A 188 3.22 11.69 -12.79
N LYS A 188 3.21 11.70 -12.82
CA LYS A 188 4.53 11.15 -12.44
CA LYS A 188 4.51 11.16 -12.43
C LYS A 188 4.64 9.66 -12.70
C LYS A 188 4.64 9.67 -12.70
N GLU A 189 3.64 9.11 -13.38
CA GLU A 189 3.64 7.69 -13.77
C GLU A 189 3.75 6.74 -12.59
N LYS A 190 3.06 7.09 -11.53
CA LYS A 190 2.98 6.24 -10.35
C LYS A 190 1.70 5.42 -10.40
N ALA A 191 1.69 4.32 -9.68
CA ALA A 191 0.48 3.52 -9.54
C ALA A 191 -0.33 3.98 -8.33
N LEU A 192 -1.64 3.76 -8.43
CA LEU A 192 -2.57 3.91 -7.33
C LEU A 192 -2.83 2.53 -6.72
N GLU A 193 -2.62 2.36 -5.42
CA GLU A 193 -2.96 1.10 -4.77
C GLU A 193 -4.43 1.01 -4.42
N ILE A 194 -5.05 -0.10 -4.80
CA ILE A 194 -6.35 -0.48 -4.30
C ILE A 194 -6.11 -1.46 -3.17
N ASN A 195 -6.35 -1.00 -1.95
CA ASN A 195 -6.05 -1.77 -0.76
C ASN A 195 -7.34 -2.37 -0.20
N THR A 196 -7.36 -3.70 -0.05
CA THR A 196 -8.60 -4.39 0.30
C THR A 196 -8.89 -4.50 1.79
N ARG A 197 -8.04 -3.91 2.63
CA ARG A 197 -8.18 -4.04 4.08
C ARG A 197 -9.59 -3.77 4.62
N LEU A 198 -10.24 -2.74 4.10
CA LEU A 198 -11.59 -2.36 4.58
C LEU A 198 -12.68 -2.69 3.57
N PHE A 199 -12.40 -3.57 2.62
CA PHE A 199 -13.36 -3.84 1.55
C PHE A 199 -14.61 -4.62 1.95
N ASP A 200 -14.70 -5.05 3.21
CA ASP A 200 -15.95 -5.67 3.68
C ASP A 200 -17.02 -4.62 3.98
N ASP A 201 -16.66 -3.35 3.86
CA ASP A 201 -17.58 -2.24 4.09
C ASP A 201 -17.93 -1.60 2.74
N PRO A 202 -19.24 -1.57 2.39
CA PRO A 202 -19.65 -0.96 1.12
C PRO A 202 -19.18 0.48 0.95
N LYS A 203 -19.00 1.20 2.04
N LYS A 203 -19.00 1.20 2.04
CA LYS A 203 -18.54 2.58 1.96
CA LYS A 203 -18.53 2.58 1.97
C LYS A 203 -17.08 2.65 1.49
C LYS A 203 -17.08 2.65 1.49
N THR A 204 -16.32 1.60 1.76
CA THR A 204 -14.95 1.51 1.24
C THR A 204 -14.98 1.30 -0.26
N GLU A 205 -15.86 0.41 -0.71
CA GLU A 205 -16.04 0.19 -2.14
C GLU A 205 -16.40 1.50 -2.85
N GLN A 206 -17.29 2.27 -2.24
CA GLN A 206 -17.70 3.54 -2.86
C GLN A 206 -16.53 4.50 -2.97
N PHE A 207 -15.74 4.62 -1.91
CA PHE A 207 -14.58 5.50 -1.96
C PHE A 207 -13.61 5.09 -3.07
N TYR A 208 -13.25 3.81 -3.12
CA TYR A 208 -12.31 3.37 -4.13
C TYR A 208 -12.89 3.43 -5.54
N SER A 209 -14.21 3.25 -5.68
CA SER A 209 -14.85 3.43 -6.97
C SER A 209 -14.62 4.85 -7.45
N ASP A 210 -14.86 5.83 -6.57
CA ASP A 210 -14.64 7.22 -6.93
C ASP A 210 -13.17 7.51 -7.21
N LEU A 211 -12.28 6.93 -6.41
CA LEU A 211 -10.86 7.10 -6.64
C LEU A 211 -10.47 6.60 -8.04
N LEU A 212 -10.92 5.40 -8.37
CA LEU A 212 -10.59 4.81 -9.66
C LEU A 212 -11.12 5.61 -10.85
N ILE A 213 -12.38 6.02 -10.79
CA ILE A 213 -12.99 6.78 -11.87
C ILE A 213 -12.25 8.11 -12.07
N ASN A 214 -11.99 8.80 -10.97
CA ASN A 214 -11.32 10.08 -11.08
C ASN A 214 -9.85 9.95 -11.48
N PHE A 215 -9.17 8.92 -10.97
CA PHE A 215 -7.79 8.67 -11.38
C PHE A 215 -7.73 8.47 -12.90
N LYS A 216 -8.62 7.64 -13.43
CA LYS A 216 -8.61 7.39 -14.86
C LYS A 216 -8.90 8.68 -15.65
N ARG A 217 -9.85 9.47 -15.17
CA ARG A 217 -10.19 10.72 -15.86
C ARG A 217 -9.02 11.69 -15.86
N LEU A 218 -8.15 11.59 -14.85
CA LEU A 218 -7.01 12.49 -14.70
C LEU A 218 -5.74 11.93 -15.33
N GLY A 219 -5.89 10.88 -16.13
CA GLY A 219 -4.76 10.32 -16.86
C GLY A 219 -4.08 9.13 -16.21
N GLY A 220 -4.65 8.62 -15.12
CA GLY A 220 -4.06 7.49 -14.41
C GLY A 220 -4.05 6.22 -15.24
N LYS A 221 -2.98 5.44 -15.13
CA LYS A 221 -2.84 4.23 -15.93
C LYS A 221 -2.55 3.00 -15.08
N PHE A 222 -1.76 3.17 -14.03
CA PHE A 222 -1.20 2.04 -13.30
C PHE A 222 -1.89 1.82 -11.97
N ILE A 223 -2.31 0.58 -11.75
CA ILE A 223 -3.05 0.17 -10.56
C ILE A 223 -2.31 -1.01 -9.93
N THR A 224 -2.11 -0.95 -8.61
CA THR A 224 -1.70 -2.17 -7.89
C THR A 224 -2.82 -2.58 -6.95
N LEU A 225 -2.81 -3.86 -6.59
CA LEU A 225 -3.83 -4.45 -5.75
C LEU A 225 -3.15 -5.16 -4.60
N GLY A 226 -3.59 -4.90 -3.37
CA GLY A 226 -3.02 -5.59 -2.23
C GLY A 226 -3.96 -5.68 -1.04
N THR A 227 -3.68 -6.61 -0.14
CA THR A 227 -4.58 -6.90 0.97
C THR A 227 -4.22 -6.21 2.27
N ASP A 228 -2.94 -5.85 2.42
CA ASP A 228 -2.40 -5.45 3.71
C ASP A 228 -2.55 -6.55 4.77
N SER A 229 -2.65 -7.80 4.33
CA SER A 229 -2.80 -8.87 5.29
C SER A 229 -1.50 -9.10 6.05
N HIS A 230 -1.62 -9.24 7.36
CA HIS A 230 -0.48 -9.51 8.22
C HIS A 230 -0.44 -10.99 8.60
N ILE A 231 -1.40 -11.77 8.09
CA ILE A 231 -1.36 -13.22 8.17
C ILE A 231 -1.61 -13.82 6.78
N ALA A 232 -1.33 -15.10 6.62
CA ALA A 232 -1.52 -15.75 5.32
C ALA A 232 -2.99 -15.93 4.92
N LYS A 233 -3.84 -16.26 5.89
CA LYS A 233 -5.27 -16.43 5.61
C LYS A 233 -5.89 -15.09 5.25
N ARG A 234 -6.46 -15.00 4.05
CA ARG A 234 -6.98 -13.75 3.51
C ARG A 234 -8.50 -13.73 3.39
N ASP A 235 -9.07 -12.53 3.33
CA ASP A 235 -10.48 -12.34 3.00
C ASP A 235 -10.59 -12.30 1.47
N TRP A 236 -10.93 -13.44 0.89
CA TRP A 236 -11.00 -13.59 -0.56
C TRP A 236 -12.18 -12.89 -1.21
N LEU A 237 -13.26 -12.70 -0.48
CA LEU A 237 -14.39 -11.96 -1.03
C LEU A 237 -14.02 -10.50 -1.24
N SER A 238 -13.31 -9.92 -0.28
CA SER A 238 -12.87 -8.53 -0.44
C SER A 238 -11.96 -8.36 -1.65
N ILE A 239 -11.09 -9.34 -1.88
CA ILE A 239 -10.22 -9.32 -3.06
C ILE A 239 -11.06 -9.36 -4.35
N HIS A 240 -12.04 -10.26 -4.38
CA HIS A 240 -12.93 -10.35 -5.53
C HIS A 240 -13.68 -9.04 -5.77
N LYS A 241 -14.19 -8.43 -4.70
CA LYS A 241 -14.90 -7.16 -4.84
C LYS A 241 -14.00 -6.07 -5.44
N ALA A 242 -12.77 -6.00 -4.97
CA ALA A 242 -11.83 -5.01 -5.48
C ALA A 242 -11.50 -5.24 -6.95
N ARG A 243 -11.27 -6.50 -7.33
CA ARG A 243 -11.00 -6.83 -8.72
C ARG A 243 -12.18 -6.48 -9.61
N THR A 244 -13.39 -6.75 -9.14
CA THR A 244 -14.59 -6.46 -9.90
C THR A 244 -14.71 -4.95 -10.15
N LEU A 245 -14.36 -4.18 -9.12
CA LEU A 245 -14.41 -2.73 -9.19
C LEU A 245 -13.37 -2.14 -10.15
N ILE A 246 -12.15 -2.66 -10.08
CA ILE A 246 -11.09 -2.21 -10.97
C ILE A 246 -11.49 -2.43 -12.44
N LYS A 247 -12.05 -3.60 -12.74
N LYS A 247 -12.08 -3.60 -12.73
CA LYS A 247 -12.57 -3.90 -14.07
CA LYS A 247 -12.58 -3.91 -14.05
C LYS A 247 -13.69 -2.97 -14.48
C LYS A 247 -13.69 -2.97 -14.48
N LYS A 248 -14.63 -2.73 -13.56
CA LYS A 248 -15.77 -1.87 -13.86
C LYS A 248 -15.31 -0.46 -14.21
N ALA A 249 -14.24 0.00 -13.57
CA ALA A 249 -13.68 1.32 -13.84
C ALA A 249 -12.91 1.40 -15.16
N GLY A 250 -12.72 0.27 -15.83
CA GLY A 250 -12.11 0.29 -17.16
C GLY A 250 -10.62 0.00 -17.22
N PHE A 251 -10.03 -0.41 -16.11
CA PHE A 251 -8.64 -0.84 -16.09
C PHE A 251 -8.58 -2.32 -16.47
N HIS A 252 -7.69 -2.66 -17.39
CA HIS A 252 -7.62 -4.04 -17.93
C HIS A 252 -6.42 -4.81 -17.44
N GLU A 253 -5.51 -4.14 -16.76
CA GLU A 253 -4.34 -4.81 -16.22
C GLU A 253 -3.94 -4.19 -14.90
N LEU A 254 -3.29 -5.01 -14.08
CA LEU A 254 -2.65 -4.56 -12.86
C LEU A 254 -1.16 -4.41 -13.16
N ALA A 255 -0.52 -3.43 -12.53
CA ALA A 255 0.90 -3.21 -12.72
C ALA A 255 1.71 -4.14 -11.83
N THR A 256 2.73 -4.77 -12.41
CA THR A 256 3.70 -5.53 -11.64
C THR A 256 5.08 -4.92 -11.91
N PHE A 257 6.03 -5.19 -11.02
CA PHE A 257 7.33 -4.53 -11.08
C PHE A 257 8.46 -5.51 -10.85
N SER A 258 9.59 -5.26 -11.51
CA SER A 258 10.82 -6.01 -11.32
C SER A 258 11.95 -5.00 -11.20
N GLY A 259 12.73 -5.07 -10.12
CA GLY A 259 13.79 -4.10 -9.89
C GLY A 259 13.30 -2.66 -9.93
N MET A 260 12.05 -2.46 -9.46
N MET A 260 12.05 -2.46 -9.46
CA MET A 260 11.40 -1.15 -9.38
CA MET A 260 11.39 -1.14 -9.39
C MET A 260 11.05 -0.54 -10.74
C MET A 260 11.05 -0.54 -10.74
N LYS A 261 11.06 -1.36 -11.78
CA LYS A 261 10.67 -0.93 -13.12
C LYS A 261 9.41 -1.69 -13.50
N ILE A 262 8.42 -1.01 -14.06
CA ILE A 262 7.17 -1.67 -14.41
C ILE A 262 7.41 -2.76 -15.46
N ASP A 263 6.78 -3.91 -15.27
CA ASP A 263 6.88 -5.01 -16.22
C ASP A 263 6.04 -4.65 -17.44
N LYS A 264 6.57 -4.89 -18.63
CA LYS A 264 5.82 -4.62 -19.85
C LYS A 264 5.73 -5.86 -20.72
#